data_1UAQ
#
_entry.id   1UAQ
#
_cell.length_a   47.113
_cell.length_b   53.681
_cell.length_c   68.076
_cell.angle_alpha   90.00
_cell.angle_beta   105.33
_cell.angle_gamma   90.00
#
_symmetry.space_group_name_H-M   'P 1 21 1'
#
loop_
_entity.id
_entity.type
_entity.pdbx_description
1 polymer 'cytosine deaminase'
2 non-polymer 'ZINC ION'
3 non-polymer DIHYDROPYRIMIDINE-2,4(1H,3H)-DIONE
4 water water
#
_entity_poly.entity_id   1
_entity_poly.type   'polypeptide(L)'
_entity_poly.pdbx_seq_one_letter_code
;MVTGGMASKWDQKGMDIAYEEAALGYKEGGVPIGGCLINNKDGSVLGRGHNMRFQKGSATLHGEISTLENCGRLEGKVYK
DTTLYTTLSPCDMCTGAIIMYGIPRCVVGENVNFKSKGEKYLQTRGHEVVVVDDERCKKIMKQFIDERPQDWFEDIGE
;
_entity_poly.pdbx_strand_id   A,B
#
# COMPACT_ATOMS: atom_id res chain seq x y z
N SER A 8 11.62 -21.60 -6.50
CA SER A 8 11.06 -22.37 -5.35
C SER A 8 12.14 -22.88 -4.40
N LYS A 9 13.39 -22.86 -4.84
CA LYS A 9 14.50 -23.32 -4.03
C LYS A 9 14.72 -22.52 -2.73
N TRP A 10 14.28 -21.28 -2.70
CA TRP A 10 14.45 -20.48 -1.49
C TRP A 10 13.16 -20.39 -0.69
N ASP A 11 12.09 -21.07 -1.13
CA ASP A 11 10.81 -20.99 -0.42
C ASP A 11 10.78 -21.44 1.03
N GLN A 12 11.58 -22.44 1.42
CA GLN A 12 11.59 -22.83 2.83
C GLN A 12 12.27 -21.72 3.61
N LYS A 13 13.36 -21.18 3.05
CA LYS A 13 14.11 -20.11 3.71
C LYS A 13 13.21 -18.86 3.88
N GLY A 14 12.57 -18.46 2.78
CA GLY A 14 11.73 -17.26 2.84
C GLY A 14 10.54 -17.39 3.80
N MET A 15 9.86 -18.53 3.81
CA MET A 15 8.73 -18.66 4.71
C MET A 15 9.21 -18.77 6.15
N ASP A 16 10.41 -19.30 6.34
CA ASP A 16 10.95 -19.39 7.69
C ASP A 16 11.21 -18.01 8.27
N ILE A 17 11.78 -17.12 7.44
CA ILE A 17 12.10 -15.75 7.86
C ILE A 17 10.78 -14.97 8.10
N ALA A 18 9.83 -15.14 7.18
CA ALA A 18 8.54 -14.48 7.32
C ALA A 18 7.86 -14.96 8.61
N TYR A 19 7.96 -16.26 8.94
CA TYR A 19 7.33 -16.73 10.16
C TYR A 19 8.06 -16.18 11.39
N GLU A 20 9.38 -16.09 11.29
CA GLU A 20 10.17 -15.53 12.37
C GLU A 20 9.71 -14.08 12.63
N GLU A 21 9.42 -13.33 11.57
CA GLU A 21 8.97 -11.94 11.74
C GLU A 21 7.58 -11.90 12.36
N ALA A 22 6.69 -12.81 11.93
CA ALA A 22 5.35 -12.87 12.50
C ALA A 22 5.40 -13.19 14.00
N ALA A 23 6.30 -14.10 14.38
CA ALA A 23 6.41 -14.50 15.77
C ALA A 23 6.98 -13.32 16.58
N LEU A 24 7.94 -12.62 16.01
CA LEU A 24 8.53 -11.46 16.65
C LEU A 24 7.46 -10.40 16.84
N GLY A 25 6.68 -10.16 15.78
CA GLY A 25 5.64 -9.17 15.93
C GLY A 25 4.63 -9.59 17.00
N TYR A 26 4.32 -10.89 17.07
CA TYR A 26 3.36 -11.36 18.06
C TYR A 26 3.90 -11.04 19.47
N LYS A 27 5.17 -11.32 19.69
CA LYS A 27 5.79 -11.07 20.99
C LYS A 27 5.73 -9.58 21.38
N GLU A 28 5.80 -8.72 20.38
CA GLU A 28 5.74 -7.27 20.56
C GLU A 28 4.35 -6.76 20.81
N GLY A 29 3.35 -7.62 20.70
CA GLY A 29 1.99 -7.19 20.93
C GLY A 29 1.22 -6.82 19.66
N GLY A 30 1.82 -7.08 18.49
CA GLY A 30 1.09 -6.77 17.28
C GLY A 30 0.40 -7.92 16.58
N VAL A 31 -0.03 -7.65 15.34
CA VAL A 31 -0.70 -8.64 14.49
C VAL A 31 0.42 -9.52 14.01
N PRO A 32 0.30 -10.86 14.21
CA PRO A 32 1.37 -11.77 13.78
C PRO A 32 1.43 -12.14 12.30
N ILE A 33 1.85 -11.15 11.51
CA ILE A 33 2.01 -11.30 10.07
C ILE A 33 3.39 -10.80 9.69
N GLY A 34 4.16 -11.66 9.03
CA GLY A 34 5.52 -11.30 8.70
C GLY A 34 5.85 -11.55 7.26
N GLY A 35 6.95 -10.99 6.78
CA GLY A 35 7.32 -11.21 5.40
C GLY A 35 8.80 -10.95 5.14
N CYS A 36 9.21 -11.25 3.93
CA CYS A 36 10.56 -10.92 3.54
C CYS A 36 10.60 -10.96 2.02
N LEU A 37 11.54 -10.21 1.46
CA LEU A 37 11.71 -10.15 0.01
C LEU A 37 13.09 -10.73 -0.29
N ILE A 38 13.10 -11.74 -1.14
CA ILE A 38 14.32 -12.45 -1.48
C ILE A 38 14.65 -12.40 -2.96
N ASN A 39 15.94 -12.24 -3.29
CA ASN A 39 16.36 -12.26 -4.70
C ASN A 39 16.36 -13.74 -5.15
N ASN A 40 15.62 -14.03 -6.21
CA ASN A 40 15.47 -15.41 -6.66
C ASN A 40 16.73 -16.13 -7.12
N LYS A 41 17.68 -15.33 -7.55
CA LYS A 41 18.93 -15.85 -8.07
C LYS A 41 19.86 -16.42 -7.01
N ASP A 42 20.16 -15.61 -6.01
CA ASP A 42 21.11 -16.05 -4.98
C ASP A 42 20.55 -16.27 -3.60
N GLY A 43 19.26 -16.01 -3.43
CA GLY A 43 18.65 -16.24 -2.13
C GLY A 43 18.92 -15.16 -1.10
N SER A 44 19.49 -14.05 -1.53
CA SER A 44 19.81 -12.98 -0.60
C SER A 44 18.54 -12.29 -0.12
N VAL A 45 18.56 -11.87 1.13
CA VAL A 45 17.40 -11.23 1.70
C VAL A 45 17.52 -9.73 1.54
N LEU A 46 16.68 -9.14 0.71
CA LEU A 46 16.68 -7.69 0.51
C LEU A 46 16.07 -6.93 1.70
N GLY A 47 15.18 -7.58 2.45
CA GLY A 47 14.49 -6.95 3.57
C GLY A 47 13.49 -7.89 4.22
N ARG A 48 13.09 -7.60 5.45
CA ARG A 48 12.11 -8.42 6.15
C ARG A 48 11.37 -7.49 7.10
N GLY A 49 10.13 -7.84 7.43
CA GLY A 49 9.36 -7.02 8.34
C GLY A 49 8.09 -7.71 8.81
N HIS A 50 7.35 -7.04 9.67
CA HIS A 50 6.08 -7.56 10.16
C HIS A 50 5.13 -6.40 10.32
N ASN A 51 3.86 -6.71 10.51
CA ASN A 51 2.82 -5.68 10.69
C ASN A 51 3.19 -4.76 11.86
N MET A 52 3.09 -3.43 11.66
CA MET A 52 3.44 -2.50 12.75
C MET A 52 2.23 -1.67 13.16
N ARG A 53 1.02 -2.19 12.96
CA ARG A 53 -0.16 -1.40 13.34
C ARG A 53 -0.07 -0.99 14.80
N PHE A 54 0.14 -1.98 15.68
CA PHE A 54 0.20 -1.66 17.10
C PHE A 54 1.50 -1.06 17.55
N GLN A 55 2.61 -1.56 17.03
CA GLN A 55 3.92 -1.06 17.40
C GLN A 55 4.10 0.43 17.10
N LYS A 56 3.55 0.88 15.97
CA LYS A 56 3.69 2.28 15.53
C LYS A 56 2.41 3.06 15.29
N GLY A 57 1.25 2.52 15.68
CA GLY A 57 0.00 3.20 15.43
C GLY A 57 -0.16 3.47 13.94
N SER A 58 0.23 2.47 13.13
CA SER A 58 0.22 2.59 11.66
C SER A 58 -0.94 1.95 10.91
N ALA A 59 -1.58 2.76 10.07
CA ALA A 59 -2.69 2.27 9.29
C ALA A 59 -2.20 1.67 7.97
N THR A 60 -0.91 1.75 7.69
CA THR A 60 -0.45 1.20 6.42
C THR A 60 0.64 0.15 6.50
N LEU A 61 1.36 0.07 7.62
CA LEU A 61 2.43 -0.92 7.73
C LEU A 61 1.96 -2.32 7.98
N HIS A 62 1.30 -2.89 6.97
CA HIS A 62 0.98 -4.30 7.09
C HIS A 62 2.30 -5.05 6.96
N GLY A 63 2.30 -6.37 7.16
CA GLY A 63 3.56 -7.08 7.06
C GLY A 63 4.26 -6.94 5.73
N GLU A 64 3.50 -7.02 4.65
CA GLU A 64 4.13 -6.90 3.32
C GLU A 64 4.66 -5.48 3.05
N ILE A 65 3.89 -4.50 3.47
CA ILE A 65 4.29 -3.09 3.29
C ILE A 65 5.51 -2.80 4.16
N SER A 66 5.50 -3.25 5.40
CA SER A 66 6.66 -3.04 6.29
C SER A 66 7.91 -3.72 5.66
N THR A 67 7.71 -4.91 5.11
CA THR A 67 8.81 -5.58 4.46
C THR A 67 9.39 -4.74 3.33
N LEU A 68 8.52 -4.22 2.44
CA LEU A 68 9.03 -3.41 1.34
C LEU A 68 9.69 -2.12 1.88
N GLU A 69 9.10 -1.52 2.89
CA GLU A 69 9.70 -0.31 3.47
C GLU A 69 11.11 -0.62 3.99
N ASN A 70 11.27 -1.80 4.60
CA ASN A 70 12.56 -2.17 5.17
C ASN A 70 13.65 -2.47 4.12
N CYS A 71 13.25 -2.75 2.88
CA CYS A 71 14.21 -3.01 1.80
C CYS A 71 14.83 -1.69 1.33
N GLY A 72 14.16 -0.59 1.68
CA GLY A 72 14.61 0.74 1.29
C GLY A 72 14.32 1.09 -0.16
N ARG A 73 14.77 2.27 -0.59
CA ARG A 73 14.55 2.66 -1.99
C ARG A 73 15.34 1.76 -2.92
N LEU A 74 14.70 1.29 -3.99
CA LEU A 74 15.37 0.40 -4.95
C LEU A 74 14.99 0.74 -6.37
N GLU A 75 15.89 0.50 -7.31
CA GLU A 75 15.55 0.75 -8.71
C GLU A 75 14.53 -0.30 -9.08
N GLY A 76 13.60 0.06 -9.97
CA GLY A 76 12.54 -0.84 -10.34
C GLY A 76 12.98 -2.22 -10.78
N LYS A 77 14.11 -2.29 -11.48
CA LYS A 77 14.59 -3.56 -11.99
C LYS A 77 14.94 -4.55 -10.90
N VAL A 78 15.31 -4.07 -9.72
CA VAL A 78 15.66 -4.99 -8.66
C VAL A 78 14.50 -5.91 -8.27
N TYR A 79 13.29 -5.37 -8.25
CA TYR A 79 12.12 -6.16 -7.83
C TYR A 79 11.72 -7.24 -8.81
N LYS A 80 12.12 -7.05 -10.06
CA LYS A 80 11.68 -7.96 -11.10
C LYS A 80 12.07 -9.44 -10.97
N ASP A 81 13.07 -9.75 -10.15
CA ASP A 81 13.39 -11.16 -9.99
C ASP A 81 13.50 -11.49 -8.51
N THR A 82 12.44 -11.14 -7.79
CA THR A 82 12.35 -11.40 -6.37
C THR A 82 11.06 -12.18 -6.10
N THR A 83 10.98 -12.67 -4.88
CA THR A 83 9.79 -13.31 -4.38
C THR A 83 9.48 -12.61 -3.05
N LEU A 84 8.22 -12.22 -2.89
CA LEU A 84 7.79 -11.64 -1.63
C LEU A 84 7.13 -12.81 -0.87
N TYR A 85 7.67 -13.10 0.33
CA TYR A 85 7.09 -14.13 1.18
C TYR A 85 6.19 -13.42 2.22
N THR A 86 4.99 -13.94 2.43
CA THR A 86 4.10 -13.39 3.47
C THR A 86 3.41 -14.55 4.17
N THR A 87 3.37 -14.51 5.50
CA THR A 87 2.74 -15.55 6.26
C THR A 87 1.23 -15.65 6.06
N LEU A 88 0.61 -14.56 5.56
CA LEU A 88 -0.83 -14.49 5.34
C LEU A 88 -1.14 -13.99 3.93
N SER A 89 -2.18 -14.55 3.30
CA SER A 89 -2.59 -14.16 1.96
C SER A 89 -2.79 -12.66 1.98
N PRO A 90 -2.23 -11.93 0.99
CA PRO A 90 -2.33 -10.46 0.94
C PRO A 90 -3.65 -9.77 0.76
N CYS A 91 -3.82 -8.72 1.53
CA CYS A 91 -5.03 -7.95 1.40
C CYS A 91 -4.98 -7.17 0.06
N ASP A 92 -6.02 -6.41 -0.26
CA ASP A 92 -5.98 -5.67 -1.51
C ASP A 92 -4.86 -4.63 -1.64
N MET A 93 -4.45 -4.06 -0.50
CA MET A 93 -3.41 -3.06 -0.47
C MET A 93 -2.05 -3.68 -0.74
N CYS A 94 -1.77 -4.80 -0.07
CA CYS A 94 -0.48 -5.44 -0.24
C CYS A 94 -0.36 -6.05 -1.61
N THR A 95 -1.49 -6.54 -2.11
CA THR A 95 -1.56 -7.08 -3.46
C THR A 95 -1.18 -5.96 -4.41
N GLY A 96 -1.73 -4.77 -4.19
CA GLY A 96 -1.42 -3.63 -5.05
C GLY A 96 0.06 -3.29 -5.05
N ALA A 97 0.67 -3.39 -3.86
CA ALA A 97 2.07 -3.10 -3.78
C ALA A 97 2.91 -4.10 -4.60
N ILE A 98 2.57 -5.39 -4.50
CA ILE A 98 3.28 -6.43 -5.26
C ILE A 98 3.16 -6.18 -6.74
N ILE A 99 1.97 -5.74 -7.14
CA ILE A 99 1.69 -5.45 -8.57
C ILE A 99 2.44 -4.21 -9.06
N MET A 100 2.43 -3.15 -8.27
CA MET A 100 3.08 -1.92 -8.66
C MET A 100 4.58 -2.13 -8.89
N TYR A 101 5.24 -2.82 -7.97
CA TYR A 101 6.68 -3.04 -8.12
C TYR A 101 7.03 -4.19 -9.09
N GLY A 102 6.02 -4.94 -9.51
CA GLY A 102 6.25 -6.03 -10.44
C GLY A 102 7.03 -7.19 -9.84
N ILE A 103 6.81 -7.46 -8.55
CA ILE A 103 7.48 -8.57 -7.88
C ILE A 103 6.77 -9.74 -8.55
N PRO A 104 7.52 -10.62 -9.21
CA PRO A 104 6.87 -11.74 -9.92
C PRO A 104 6.23 -12.89 -9.20
N ARG A 105 6.70 -13.17 -7.98
CA ARG A 105 6.21 -14.31 -7.23
C ARG A 105 5.83 -13.89 -5.83
N CYS A 106 4.72 -14.43 -5.37
CA CYS A 106 4.27 -14.22 -4.00
C CYS A 106 3.99 -15.60 -3.39
N VAL A 107 4.74 -15.92 -2.34
CA VAL A 107 4.60 -17.20 -1.66
C VAL A 107 3.92 -16.85 -0.35
N VAL A 108 2.78 -17.49 -0.18
CA VAL A 108 1.86 -17.29 0.92
C VAL A 108 1.85 -18.40 1.95
N GLY A 109 1.98 -18.04 3.23
CA GLY A 109 1.96 -19.07 4.26
C GLY A 109 0.64 -19.82 4.34
N GLU A 110 -0.46 -19.05 4.45
CA GLU A 110 -1.76 -19.63 4.53
C GLU A 110 -2.83 -18.63 4.10
N ASN A 111 -3.94 -19.16 3.61
CA ASN A 111 -5.07 -18.34 3.20
C ASN A 111 -6.38 -18.84 3.82
N VAL A 112 -6.25 -19.56 4.93
CA VAL A 112 -7.37 -20.12 5.69
C VAL A 112 -7.98 -19.09 6.65
N ASN A 113 -7.15 -18.36 7.40
CA ASN A 113 -7.69 -17.37 8.35
C ASN A 113 -8.17 -16.11 7.63
N PHE A 114 -7.60 -15.88 6.44
CA PHE A 114 -7.91 -14.71 5.65
C PHE A 114 -7.48 -14.88 4.21
N LYS A 115 -8.26 -14.27 3.33
CA LYS A 115 -8.01 -14.23 1.92
C LYS A 115 -8.82 -13.03 1.41
N SER A 116 -8.29 -12.33 0.41
CA SER A 116 -9.01 -11.21 -0.22
C SER A 116 -9.08 -11.54 -1.71
N LYS A 117 -9.75 -10.69 -2.48
CA LYS A 117 -9.81 -10.90 -3.92
C LYS A 117 -8.42 -10.70 -4.50
N GLY A 118 -7.49 -10.16 -3.70
CA GLY A 118 -6.15 -9.91 -4.23
C GLY A 118 -5.34 -11.14 -4.58
N GLU A 119 -5.54 -12.23 -3.83
CA GLU A 119 -4.77 -13.45 -4.12
C GLU A 119 -4.95 -13.85 -5.60
N LYS A 120 -6.21 -13.85 -6.05
CA LYS A 120 -6.49 -14.22 -7.44
C LYS A 120 -6.24 -13.07 -8.42
N TYR A 121 -6.40 -11.82 -7.97
CA TYR A 121 -6.12 -10.70 -8.87
C TYR A 121 -4.63 -10.73 -9.23
N LEU A 122 -3.76 -11.14 -8.28
CA LEU A 122 -2.32 -11.23 -8.62
C LEU A 122 -2.12 -12.14 -9.82
N GLN A 123 -2.84 -13.25 -9.82
CA GLN A 123 -2.74 -14.20 -10.93
C GLN A 123 -3.29 -13.64 -12.24
N THR A 124 -4.40 -12.93 -12.16
CA THR A 124 -4.95 -12.28 -13.35
C THR A 124 -3.91 -11.31 -13.95
N ARG A 125 -3.19 -10.61 -13.06
CA ARG A 125 -2.21 -9.64 -13.49
C ARG A 125 -0.87 -10.26 -13.89
N GLY A 126 -0.78 -11.59 -13.86
CA GLY A 126 0.42 -12.23 -14.34
C GLY A 126 1.45 -12.74 -13.36
N HIS A 127 1.19 -12.58 -12.07
CA HIS A 127 2.15 -12.99 -11.04
C HIS A 127 1.91 -14.46 -10.68
N GLU A 128 2.93 -15.11 -10.12
CA GLU A 128 2.78 -16.48 -9.67
C GLU A 128 2.47 -16.44 -8.18
N VAL A 129 1.44 -17.15 -7.75
CA VAL A 129 1.06 -17.22 -6.35
C VAL A 129 1.16 -18.65 -5.83
N VAL A 130 1.93 -18.86 -4.77
CA VAL A 130 2.08 -20.22 -4.19
C VAL A 130 1.56 -20.16 -2.77
N VAL A 131 0.64 -21.07 -2.42
CA VAL A 131 0.09 -21.14 -1.08
C VAL A 131 0.70 -22.39 -0.47
N VAL A 132 1.49 -22.20 0.57
CA VAL A 132 2.23 -23.27 1.22
C VAL A 132 1.40 -24.08 2.21
N ASP A 133 0.43 -23.40 2.84
CA ASP A 133 -0.46 -23.97 3.86
C ASP A 133 0.40 -24.36 5.07
N ASP A 134 1.18 -23.39 5.53
CA ASP A 134 2.09 -23.55 6.65
C ASP A 134 1.26 -23.49 7.97
N GLU A 135 1.27 -24.58 8.72
CA GLU A 135 0.49 -24.65 9.98
C GLU A 135 0.96 -23.73 11.08
N ARG A 136 2.24 -23.36 11.06
CA ARG A 136 2.78 -22.48 12.10
C ARG A 136 2.12 -21.12 11.89
N CYS A 137 2.00 -20.72 10.63
CA CYS A 137 1.36 -19.45 10.30
C CYS A 137 -0.14 -19.50 10.65
N LYS A 138 -0.80 -20.60 10.28
CA LYS A 138 -2.22 -20.72 10.61
C LYS A 138 -2.47 -20.67 12.12
N LYS A 139 -1.63 -21.35 12.91
CA LYS A 139 -1.85 -21.38 14.35
C LYS A 139 -1.71 -20.03 15.01
N ILE A 140 -0.66 -19.30 14.64
CA ILE A 140 -0.43 -18.00 15.25
C ILE A 140 -1.49 -16.97 14.86
N MET A 141 -1.94 -16.97 13.61
CA MET A 141 -2.99 -16.01 13.22
C MET A 141 -4.32 -16.39 13.84
N LYS A 142 -4.62 -17.69 13.90
CA LYS A 142 -5.88 -18.12 14.48
C LYS A 142 -5.96 -17.68 15.95
N GLN A 143 -4.85 -17.78 16.65
CA GLN A 143 -4.81 -17.41 18.05
C GLN A 143 -5.10 -15.90 18.19
N PHE A 144 -4.46 -15.10 17.36
CA PHE A 144 -4.67 -13.65 17.42
C PHE A 144 -6.12 -13.29 17.14
N ILE A 145 -6.70 -13.93 16.12
CA ILE A 145 -8.08 -13.65 15.74
C ILE A 145 -9.02 -14.06 16.86
N ASP A 146 -8.73 -15.19 17.51
CA ASP A 146 -9.59 -15.63 18.62
C ASP A 146 -9.51 -14.72 19.82
N GLU A 147 -8.30 -14.27 20.16
CA GLU A 147 -8.08 -13.42 21.33
C GLU A 147 -8.40 -11.94 21.11
N ARG A 148 -8.09 -11.43 19.93
CA ARG A 148 -8.29 -9.99 19.67
C ARG A 148 -9.04 -9.74 18.37
N PRO A 149 -10.27 -10.25 18.27
CA PRO A 149 -11.00 -10.05 17.03
C PRO A 149 -11.20 -8.60 16.58
N GLN A 150 -11.42 -7.69 17.53
CA GLN A 150 -11.63 -6.30 17.13
C GLN A 150 -10.39 -5.71 16.53
N ASP A 151 -9.24 -6.08 17.07
CA ASP A 151 -7.99 -5.56 16.56
C ASP A 151 -7.77 -6.10 15.15
N TRP A 152 -8.14 -7.36 14.92
CA TRP A 152 -7.97 -7.96 13.60
C TRP A 152 -8.86 -7.27 12.56
N PHE A 153 -10.14 -7.07 12.88
CA PHE A 153 -11.05 -6.43 11.95
C PHE A 153 -10.53 -5.03 11.58
N GLU A 154 -9.95 -4.33 12.55
CA GLU A 154 -9.44 -3.00 12.25
C GLU A 154 -8.29 -3.12 11.22
N ASP A 155 -7.47 -4.18 11.35
CA ASP A 155 -6.32 -4.34 10.46
C ASP A 155 -6.73 -4.61 9.01
N ILE A 156 -7.94 -5.12 8.81
CA ILE A 156 -8.40 -5.37 7.47
C ILE A 156 -9.52 -4.42 7.09
N GLY A 157 -9.60 -3.34 7.86
CA GLY A 157 -10.57 -2.29 7.58
C GLY A 157 -12.02 -2.69 7.67
N GLU A 158 -12.31 -3.62 8.56
CA GLU A 158 -13.69 -4.02 8.73
C GLU A 158 -14.18 -3.46 10.06
N SER B 8 -20.32 16.05 -4.62
CA SER B 8 -19.01 16.72 -4.86
C SER B 8 -18.84 17.99 -4.02
N LYS B 9 -19.69 18.16 -3.01
CA LYS B 9 -19.66 19.36 -2.16
C LYS B 9 -18.30 19.75 -1.59
N TRP B 10 -17.53 18.76 -1.16
CA TRP B 10 -16.25 19.06 -0.56
C TRP B 10 -15.08 18.89 -1.53
N ASP B 11 -15.36 18.67 -2.81
CA ASP B 11 -14.27 18.46 -3.77
C ASP B 11 -13.33 19.62 -3.97
N GLN B 12 -13.83 20.87 -3.97
CA GLN B 12 -12.91 21.98 -4.17
C GLN B 12 -11.98 22.00 -2.97
N LYS B 13 -12.56 21.85 -1.78
CA LYS B 13 -11.81 21.88 -0.54
C LYS B 13 -10.73 20.80 -0.51
N GLY B 14 -11.13 19.58 -0.83
CA GLY B 14 -10.19 18.48 -0.79
C GLY B 14 -9.07 18.55 -1.81
N MET B 15 -9.38 18.92 -3.04
CA MET B 15 -8.31 19.00 -4.03
C MET B 15 -7.38 20.17 -3.71
N ASP B 16 -7.91 21.23 -3.09
CA ASP B 16 -7.06 22.35 -2.75
C ASP B 16 -6.02 21.92 -1.69
N ILE B 17 -6.49 21.19 -0.67
CA ILE B 17 -5.62 20.68 0.38
C ILE B 17 -4.61 19.70 -0.23
N ALA B 18 -5.10 18.82 -1.11
CA ALA B 18 -4.19 17.87 -1.69
C ALA B 18 -3.11 18.58 -2.50
N TYR B 19 -3.47 19.66 -3.21
CA TYR B 19 -2.49 20.38 -4.00
C TYR B 19 -1.49 21.10 -3.09
N GLU B 20 -1.96 21.66 -1.99
CA GLU B 20 -1.05 22.33 -1.04
C GLU B 20 0.01 21.33 -0.58
N GLU B 21 -0.41 20.10 -0.33
CA GLU B 21 0.53 19.05 0.08
C GLU B 21 1.51 18.73 -1.02
N ALA B 22 1.01 18.63 -2.27
CA ALA B 22 1.89 18.37 -3.40
C ALA B 22 2.95 19.48 -3.57
N ALA B 23 2.51 20.73 -3.42
CA ALA B 23 3.41 21.89 -3.51
C ALA B 23 4.44 21.84 -2.38
N LEU B 24 4.00 21.48 -1.17
CA LEU B 24 4.92 21.35 -0.03
C LEU B 24 5.97 20.23 -0.29
N GLY B 25 5.54 19.07 -0.79
CA GLY B 25 6.51 18.03 -1.07
C GLY B 25 7.50 18.46 -2.15
N TYR B 26 7.04 19.24 -3.13
CA TYR B 26 7.91 19.71 -4.17
C TYR B 26 9.03 20.57 -3.54
N LYS B 27 8.65 21.48 -2.67
CA LYS B 27 9.59 22.37 -1.98
C LYS B 27 10.62 21.61 -1.17
N GLU B 28 10.23 20.46 -0.63
CA GLU B 28 11.11 19.63 0.20
C GLU B 28 12.05 18.78 -0.63
N GLY B 29 11.85 18.84 -1.95
CA GLY B 29 12.70 18.07 -2.84
C GLY B 29 12.13 16.72 -3.25
N GLY B 30 10.86 16.46 -2.92
CA GLY B 30 10.29 15.17 -3.28
C GLY B 30 9.35 15.16 -4.48
N VAL B 31 8.69 14.02 -4.68
CA VAL B 31 7.72 13.85 -5.78
C VAL B 31 6.48 14.68 -5.41
N PRO B 32 6.05 15.59 -6.30
CA PRO B 32 4.88 16.43 -5.99
C PRO B 32 3.50 15.83 -6.11
N ILE B 33 3.17 14.93 -5.19
CA ILE B 33 1.88 14.26 -5.18
C ILE B 33 1.35 14.37 -3.76
N GLY B 34 0.13 14.89 -3.66
CA GLY B 34 -0.46 15.10 -2.35
C GLY B 34 -1.82 14.56 -2.24
N GLY B 35 -2.33 14.49 -1.03
CA GLY B 35 -3.66 13.96 -0.85
C GLY B 35 -4.26 14.33 0.48
N CYS B 36 -5.54 14.00 0.64
CA CYS B 36 -6.20 14.17 1.90
C CYS B 36 -7.43 13.32 1.95
N LEU B 37 -7.86 12.97 3.17
CA LEU B 37 -9.03 12.16 3.36
C LEU B 37 -10.05 13.02 4.10
N ILE B 38 -11.23 13.14 3.51
CA ILE B 38 -12.30 13.96 4.08
C ILE B 38 -13.58 13.16 4.42
N ASN B 39 -14.21 13.50 5.55
CA ASN B 39 -15.47 12.83 5.93
C ASN B 39 -16.56 13.48 5.07
N ASN B 40 -17.28 12.68 4.27
CA ASN B 40 -18.30 13.25 3.39
C ASN B 40 -19.46 13.94 4.10
N LYS B 41 -19.73 13.55 5.34
CA LYS B 41 -20.84 14.14 6.07
C LYS B 41 -20.60 15.61 6.42
N ASP B 42 -19.50 15.89 7.10
CA ASP B 42 -19.24 17.26 7.51
C ASP B 42 -18.07 17.99 6.90
N GLY B 43 -17.37 17.35 5.96
CA GLY B 43 -16.25 18.02 5.34
C GLY B 43 -14.98 18.06 6.19
N SER B 44 -14.99 17.37 7.33
CA SER B 44 -13.81 17.38 8.18
C SER B 44 -12.66 16.62 7.55
N VAL B 45 -11.46 17.11 7.81
CA VAL B 45 -10.25 16.50 7.27
C VAL B 45 -9.69 15.46 8.24
N LEU B 46 -9.72 14.20 7.84
CA LEU B 46 -9.18 13.16 8.70
C LEU B 46 -7.67 13.16 8.70
N GLY B 47 -7.07 13.59 7.59
CA GLY B 47 -5.62 13.64 7.50
C GLY B 47 -5.21 14.06 6.11
N ARG B 48 -3.94 14.44 5.97
CA ARG B 48 -3.41 14.87 4.69
C ARG B 48 -1.93 14.51 4.64
N GLY B 49 -1.41 14.34 3.43
CA GLY B 49 -0.01 14.01 3.29
C GLY B 49 0.51 14.11 1.87
N HIS B 50 1.79 13.82 1.70
CA HIS B 50 2.36 13.83 0.37
C HIS B 50 3.40 12.71 0.26
N ASN B 51 3.85 12.44 -0.96
CA ASN B 51 4.85 11.39 -1.22
C ASN B 51 6.11 11.65 -0.38
N MET B 52 6.57 10.63 0.35
CA MET B 52 7.78 10.82 1.19
C MET B 52 8.98 9.98 0.74
N ARG B 53 8.97 9.53 -0.52
CA ARG B 53 10.11 8.74 -1.03
C ARG B 53 11.47 9.41 -0.77
N PHE B 54 11.58 10.67 -1.17
CA PHE B 54 12.86 11.32 -0.98
C PHE B 54 13.07 11.78 0.43
N GLN B 55 12.03 12.37 1.01
CA GLN B 55 12.10 12.88 2.39
C GLN B 55 12.46 11.83 3.41
N LYS B 56 11.88 10.63 3.25
CA LYS B 56 12.14 9.56 4.22
C LYS B 56 12.78 8.31 3.68
N GLY B 57 13.24 8.33 2.42
CA GLY B 57 13.87 7.15 1.83
C GLY B 57 12.88 6.01 1.88
N SER B 58 11.62 6.34 1.55
CA SER B 58 10.54 5.38 1.63
C SER B 58 10.03 4.80 0.30
N ALA B 59 9.98 3.48 0.28
CA ALA B 59 9.46 2.75 -0.89
C ALA B 59 7.94 2.61 -0.83
N THR B 60 7.34 2.98 0.28
CA THR B 60 5.91 2.81 0.37
C THR B 60 5.08 4.07 0.54
N LEU B 61 5.70 5.16 1.02
CA LEU B 61 4.92 6.38 1.25
C LEU B 61 4.58 7.23 0.04
N HIS B 62 3.73 6.69 -0.82
CA HIS B 62 3.26 7.50 -1.94
C HIS B 62 2.33 8.55 -1.31
N GLY B 63 1.87 9.54 -2.07
CA GLY B 63 0.98 10.50 -1.43
C GLY B 63 -0.24 9.89 -0.76
N GLU B 64 -0.88 8.92 -1.41
CA GLU B 64 -2.09 8.37 -0.86
C GLU B 64 -1.84 7.56 0.41
N ILE B 65 -0.74 6.80 0.40
CA ILE B 65 -0.37 5.98 1.55
C ILE B 65 0.06 6.88 2.72
N SER B 66 0.82 7.93 2.44
CA SER B 66 1.25 8.87 3.50
C SER B 66 -0.03 9.56 4.10
N THR B 67 -0.99 9.93 3.24
CA THR B 67 -2.25 10.52 3.70
C THR B 67 -2.97 9.58 4.66
N LEU B 68 -3.11 8.30 4.27
CA LEU B 68 -3.77 7.34 5.15
C LEU B 68 -2.99 7.13 6.46
N GLU B 69 -1.67 7.08 6.36
CA GLU B 69 -0.82 6.91 7.56
C GLU B 69 -1.06 8.09 8.49
N ASN B 70 -1.19 9.28 7.90
CA ASN B 70 -1.39 10.48 8.72
C ASN B 70 -2.76 10.55 9.40
N CYS B 71 -3.75 9.82 8.89
CA CYS B 71 -5.07 9.80 9.53
C CYS B 71 -5.06 8.97 10.82
N GLY B 72 -4.04 8.12 10.94
CA GLY B 72 -3.90 7.22 12.07
C GLY B 72 -4.80 6.00 12.04
N ARG B 73 -4.71 5.17 13.09
CA ARG B 73 -5.54 3.99 13.20
C ARG B 73 -6.98 4.48 13.32
N LEU B 74 -7.87 3.85 12.55
CA LEU B 74 -9.27 4.19 12.56
C LEU B 74 -10.09 2.91 12.46
N GLU B 75 -11.24 2.90 13.09
CA GLU B 75 -12.14 1.76 12.96
C GLU B 75 -12.57 1.74 11.51
N GLY B 76 -12.78 0.54 10.98
CA GLY B 76 -13.16 0.41 9.59
C GLY B 76 -14.34 1.22 9.09
N LYS B 77 -15.38 1.32 9.91
CA LYS B 77 -16.57 2.04 9.51
C LYS B 77 -16.32 3.49 9.15
N VAL B 78 -15.28 4.07 9.73
CA VAL B 78 -14.97 5.48 9.45
C VAL B 78 -14.68 5.74 7.99
N TYR B 79 -13.94 4.83 7.37
CA TYR B 79 -13.56 5.01 5.98
C TYR B 79 -14.69 4.92 5.01
N LYS B 80 -15.76 4.24 5.39
CA LYS B 80 -16.86 3.98 4.48
C LYS B 80 -17.67 5.18 4.00
N ASP B 81 -17.49 6.32 4.66
CA ASP B 81 -18.18 7.52 4.18
C ASP B 81 -17.19 8.68 4.06
N THR B 82 -16.10 8.39 3.35
CA THR B 82 -15.06 9.36 3.11
C THR B 82 -14.75 9.41 1.63
N THR B 83 -13.96 10.44 1.27
CA THR B 83 -13.45 10.60 -0.06
C THR B 83 -11.95 10.83 0.08
N LEU B 84 -11.17 10.11 -0.73
CA LEU B 84 -9.72 10.31 -0.75
C LEU B 84 -9.38 11.19 -1.97
N TYR B 85 -8.75 12.32 -1.69
CA TYR B 85 -8.30 13.21 -2.76
C TYR B 85 -6.82 12.96 -3.03
N THR B 86 -6.49 12.78 -4.29
CA THR B 86 -5.10 12.58 -4.66
C THR B 86 -4.85 13.47 -5.88
N THR B 87 -3.72 14.17 -5.88
CA THR B 87 -3.44 15.05 -7.01
C THR B 87 -3.12 14.26 -8.26
N LEU B 88 -2.72 13.00 -8.11
CA LEU B 88 -2.40 12.18 -9.28
C LEU B 88 -3.19 10.85 -9.24
N SER B 89 -3.60 10.36 -10.42
CA SER B 89 -4.35 9.10 -10.51
C SER B 89 -3.53 8.04 -9.76
N PRO B 90 -4.20 7.22 -8.94
CA PRO B 90 -3.50 6.21 -8.15
C PRO B 90 -2.86 5.03 -8.82
N CYS B 91 -1.66 4.68 -8.37
CA CYS B 91 -0.97 3.52 -8.88
C CYS B 91 -1.69 2.26 -8.35
N ASP B 92 -1.20 1.09 -8.72
CA ASP B 92 -1.84 -0.13 -8.27
C ASP B 92 -1.82 -0.32 -6.78
N MET B 93 -0.78 0.19 -6.13
CA MET B 93 -0.64 0.06 -4.67
C MET B 93 -1.65 0.95 -3.97
N CYS B 94 -1.67 2.24 -4.34
CA CYS B 94 -2.60 3.17 -3.70
C CYS B 94 -4.06 2.77 -4.01
N THR B 95 -4.29 2.26 -5.21
CA THR B 95 -5.60 1.74 -5.57
C THR B 95 -5.97 0.62 -4.57
N GLY B 96 -5.03 -0.28 -4.29
CA GLY B 96 -5.27 -1.36 -3.35
C GLY B 96 -5.66 -0.88 -1.94
N ALA B 97 -5.01 0.19 -1.49
CA ALA B 97 -5.31 0.79 -0.16
C ALA B 97 -6.73 1.29 -0.10
N ILE B 98 -7.16 2.00 -1.15
CA ILE B 98 -8.52 2.51 -1.25
C ILE B 98 -9.52 1.38 -1.18
N ILE B 99 -9.26 0.31 -1.93
CA ILE B 99 -10.14 -0.86 -1.94
C ILE B 99 -10.14 -1.56 -0.61
N MET B 100 -8.96 -1.75 -0.02
CA MET B 100 -8.88 -2.43 1.27
C MET B 100 -9.67 -1.76 2.35
N TYR B 101 -9.58 -0.42 2.42
CA TYR B 101 -10.31 0.27 3.48
C TYR B 101 -11.73 0.60 3.10
N GLY B 102 -12.09 0.37 1.84
CA GLY B 102 -13.47 0.61 1.46
C GLY B 102 -13.83 2.08 1.33
N ILE B 103 -12.83 2.91 1.04
CA ILE B 103 -13.08 4.37 0.83
C ILE B 103 -13.91 4.36 -0.46
N PRO B 104 -15.18 4.80 -0.37
CA PRO B 104 -16.05 4.78 -1.56
C PRO B 104 -15.81 5.68 -2.73
N ARG B 105 -15.06 6.74 -2.47
CA ARG B 105 -14.88 7.74 -3.49
C ARG B 105 -13.45 8.25 -3.56
N CYS B 106 -12.94 8.37 -4.79
CA CYS B 106 -11.60 8.88 -4.98
C CYS B 106 -11.68 9.98 -6.01
N VAL B 107 -11.22 11.16 -5.61
CA VAL B 107 -11.20 12.31 -6.51
C VAL B 107 -9.78 12.54 -6.86
N VAL B 108 -9.53 12.50 -8.17
CA VAL B 108 -8.22 12.58 -8.80
C VAL B 108 -7.90 13.93 -9.48
N GLY B 109 -6.75 14.52 -9.15
CA GLY B 109 -6.38 15.78 -9.77
C GLY B 109 -6.22 15.64 -11.27
N GLU B 110 -5.37 14.72 -11.71
CA GLU B 110 -5.21 14.52 -13.15
C GLU B 110 -4.68 13.12 -13.41
N ASN B 111 -4.91 12.64 -14.63
CA ASN B 111 -4.45 11.32 -15.01
C ASN B 111 -3.79 11.42 -16.37
N VAL B 112 -3.23 12.60 -16.64
CA VAL B 112 -2.54 12.84 -17.91
C VAL B 112 -1.07 12.51 -17.86
N ASN B 113 -0.43 12.82 -16.73
CA ASN B 113 0.99 12.54 -16.59
C ASN B 113 1.23 11.07 -16.21
N PHE B 114 0.16 10.43 -15.71
CA PHE B 114 0.25 9.05 -15.24
C PHE B 114 -1.14 8.48 -15.00
N LYS B 115 -1.31 7.20 -15.33
CA LYS B 115 -2.58 6.53 -15.09
C LYS B 115 -2.25 5.06 -15.00
N SER B 116 -2.78 4.36 -14.01
CA SER B 116 -2.50 2.92 -13.93
C SER B 116 -3.77 2.15 -14.23
N LYS B 117 -3.69 0.82 -14.18
CA LYS B 117 -4.87 0.00 -14.37
C LYS B 117 -5.76 0.20 -13.17
N GLY B 118 -5.25 0.88 -12.14
CA GLY B 118 -6.09 1.02 -10.95
C GLY B 118 -7.30 1.93 -11.03
N GLU B 119 -7.25 2.94 -11.87
CA GLU B 119 -8.38 3.84 -11.98
C GLU B 119 -9.61 3.02 -12.41
N LYS B 120 -9.42 2.18 -13.42
CA LYS B 120 -10.52 1.33 -13.87
C LYS B 120 -10.83 0.20 -12.88
N TYR B 121 -9.82 -0.33 -12.21
CA TYR B 121 -10.07 -1.41 -11.25
C TYR B 121 -10.94 -0.88 -10.12
N LEU B 122 -10.69 0.36 -9.68
CA LEU B 122 -11.52 0.92 -8.61
C LEU B 122 -13.00 0.87 -9.00
N GLN B 123 -13.28 1.21 -10.26
CA GLN B 123 -14.67 1.25 -10.73
C GLN B 123 -15.24 -0.19 -10.80
N THR B 124 -14.45 -1.13 -11.31
CA THR B 124 -14.95 -2.48 -11.35
C THR B 124 -15.23 -2.99 -9.92
N ARG B 125 -14.49 -2.48 -8.93
CA ARG B 125 -14.72 -2.93 -7.57
C ARG B 125 -15.81 -2.12 -6.87
N GLY B 126 -16.47 -1.22 -7.58
CA GLY B 126 -17.58 -0.48 -6.99
C GLY B 126 -17.31 0.91 -6.47
N HIS B 127 -16.09 1.39 -6.65
CA HIS B 127 -15.75 2.72 -6.16
C HIS B 127 -16.02 3.77 -7.23
N GLU B 128 -16.29 5.00 -6.79
CA GLU B 128 -16.53 6.11 -7.67
C GLU B 128 -15.24 6.87 -7.83
N VAL B 129 -14.84 7.07 -9.09
CA VAL B 129 -13.64 7.81 -9.44
C VAL B 129 -14.05 9.09 -10.20
N VAL B 130 -13.59 10.25 -9.72
CA VAL B 130 -13.88 11.54 -10.35
C VAL B 130 -12.54 12.20 -10.71
N VAL B 131 -12.32 12.44 -12.00
CA VAL B 131 -11.07 13.07 -12.45
C VAL B 131 -11.35 14.56 -12.68
N VAL B 132 -10.79 15.43 -11.86
CA VAL B 132 -11.06 16.86 -11.98
C VAL B 132 -10.32 17.60 -13.07
N ASP B 133 -9.22 17.01 -13.54
CA ASP B 133 -8.34 17.57 -14.57
C ASP B 133 -7.80 18.97 -14.15
N ASP B 134 -7.23 19.02 -12.95
CA ASP B 134 -6.71 20.25 -12.38
C ASP B 134 -5.37 20.64 -13.03
N GLU B 135 -5.31 21.85 -13.62
CA GLU B 135 -4.09 22.27 -14.30
C GLU B 135 -2.90 22.49 -13.41
N ARG B 136 -3.13 22.85 -12.15
CA ARG B 136 -2.02 23.06 -11.22
C ARG B 136 -1.29 21.73 -10.98
N CYS B 137 -2.06 20.66 -10.83
CA CYS B 137 -1.48 19.33 -10.58
C CYS B 137 -0.69 18.86 -11.81
N LYS B 138 -1.30 18.97 -12.98
CA LYS B 138 -0.65 18.55 -14.22
C LYS B 138 0.66 19.27 -14.44
N LYS B 139 0.66 20.58 -14.17
CA LYS B 139 1.85 21.39 -14.35
C LYS B 139 3.03 20.98 -13.47
N ILE B 140 2.77 20.81 -12.17
CA ILE B 140 3.82 20.47 -11.24
C ILE B 140 4.36 19.04 -11.45
N MET B 141 3.50 18.11 -11.84
CA MET B 141 3.96 16.74 -12.10
C MET B 141 4.66 16.67 -13.47
N LYS B 142 4.19 17.44 -14.44
CA LYS B 142 4.86 17.43 -15.73
C LYS B 142 6.29 17.91 -15.54
N GLN B 143 6.44 18.93 -14.69
CA GLN B 143 7.76 19.50 -14.42
C GLN B 143 8.70 18.50 -13.73
N PHE B 144 8.17 17.76 -12.77
CA PHE B 144 8.99 16.80 -12.07
C PHE B 144 9.47 15.68 -13.03
N ILE B 145 8.56 15.18 -13.86
CA ILE B 145 8.89 14.14 -14.82
C ILE B 145 9.92 14.64 -15.85
N ASP B 146 9.81 15.90 -16.26
CA ASP B 146 10.74 16.46 -17.24
C ASP B 146 12.14 16.61 -16.68
N GLU B 147 12.23 17.18 -15.48
CA GLU B 147 13.51 17.42 -14.84
C GLU B 147 14.15 16.19 -14.20
N ARG B 148 13.35 15.34 -13.58
CA ARG B 148 13.88 14.17 -12.90
C ARG B 148 13.22 12.88 -13.34
N PRO B 149 13.40 12.50 -14.61
CA PRO B 149 12.79 11.28 -15.15
C PRO B 149 13.13 9.98 -14.41
N GLN B 150 14.37 9.85 -13.97
CA GLN B 150 14.82 8.63 -13.29
C GLN B 150 14.18 8.46 -11.92
N ASP B 151 14.01 9.58 -11.22
CA ASP B 151 13.41 9.55 -9.90
C ASP B 151 11.93 9.18 -10.09
N TRP B 152 11.30 9.70 -11.13
CA TRP B 152 9.91 9.34 -11.38
C TRP B 152 9.73 7.85 -11.67
N PHE B 153 10.58 7.28 -12.55
CA PHE B 153 10.45 5.86 -12.83
C PHE B 153 10.61 5.03 -11.54
N GLU B 154 11.50 5.46 -10.65
CA GLU B 154 11.68 4.71 -9.40
C GLU B 154 10.40 4.74 -8.54
N ASP B 155 9.74 5.89 -8.51
CA ASP B 155 8.51 6.03 -7.71
C ASP B 155 7.38 5.15 -8.23
N ILE B 156 7.45 4.75 -9.50
CA ILE B 156 6.43 3.87 -10.03
C ILE B 156 6.93 2.47 -10.39
N GLY B 157 8.05 2.10 -9.79
CA GLY B 157 8.60 0.75 -9.95
C GLY B 157 9.05 0.40 -11.34
N GLU B 158 9.46 1.39 -12.10
CA GLU B 158 9.90 1.11 -13.45
C GLU B 158 11.39 1.29 -13.52
#